data_6E1I
#
_entry.id   6E1I
#
_cell.length_a   52.466
_cell.length_b   82.195
_cell.length_c   107.165
_cell.angle_alpha   90.00
_cell.angle_beta   90.00
_cell.angle_gamma   90.00
#
_symmetry.space_group_name_H-M   'P 2 21 21'
#
loop_
_entity.id
_entity.type
_entity.pdbx_description
1 polymer 'HLA-A*0201 single chain trimer with murine  H2K alpha 3 domain and HPV.16 E7 peptide YMLDLQPET'
2 water water
#
_entity_poly.entity_id   1
_entity_poly.type   'polypeptide(L)'
_entity_poly.pdbx_seq_one_letter_code
;METDTLLLWVLLLWVPGSTGYMLDLQPETGGGGSGGGGSGGGGSIQRTPQIQVYSRHPPENGKPNILNCYVTQFHPSDIE
IQMLKNGKKIPKVEMSDLSFSKDWSFYILAHTEFTPTETDTYACRVKHASMAEPKTVYWDRDMGGGGSGGGGSGGGGSGG
GGSGSHSMRYFFTSVSRPGRGEPRFIAVGYVDDTQFVRFDSDAASQRMEPRAPWIEQEGPEYWDGETRKVKAHSQTHRVD
LGTLRGAYNQSEAGSHTVQRMYGCDVGSDWRFLRGYHQYAYDGKDYIALKEDLRSWTAADMAAQTTKHKWEAAHVAEQLR
AYLEGTCVEWLRRYLENGKETLQRTDSPKAHVTYHPRSQVDVTLRCWALGFYPADITLTWQLNGEDLTQDMELVETRPAG
DGTFQKWAAVVVPLGKEQNYTCHVHHEGLPEPLTLRWENLYF
;
_entity_poly.pdbx_strand_id   A
#
# COMPACT_ATOMS: atom_id res chain seq x y z
N TYR A 21 3.95 -14.63 10.39
CA TYR A 21 3.53 -16.05 10.57
C TYR A 21 2.07 -16.19 10.12
N MET A 22 1.87 -16.85 8.99
CA MET A 22 0.56 -16.95 8.35
C MET A 22 -0.41 -17.90 9.06
N LEU A 23 -1.69 -17.68 8.76
CA LEU A 23 -2.80 -18.52 9.19
C LEU A 23 -2.68 -19.91 8.57
N ASP A 24 -3.02 -20.94 9.35
CA ASP A 24 -3.08 -22.33 8.84
C ASP A 24 -4.48 -22.69 8.32
N LEU A 25 -5.53 -22.07 8.87
CA LEU A 25 -6.91 -22.30 8.40
C LEU A 25 -7.14 -21.81 6.97
N GLN A 26 -7.80 -22.64 6.16
CA GLN A 26 -8.10 -22.32 4.76
C GLN A 26 -9.61 -22.52 4.46
N PRO A 27 -10.47 -21.59 4.92
CA PRO A 27 -11.89 -21.70 4.59
C PRO A 27 -12.14 -21.38 3.11
N GLU A 28 -13.08 -22.09 2.50
CA GLU A 28 -13.46 -21.86 1.10
C GLU A 28 -14.78 -21.09 1.04
N THR A 29 -14.91 -20.22 0.04
CA THR A 29 -16.15 -19.48 -0.18
C THR A 29 -17.35 -20.38 -0.55
N GLY A 30 -17.10 -21.56 -1.13
CA GLY A 30 -18.13 -22.58 -1.36
C GLY A 30 -18.81 -22.54 -2.72
N GLY A 31 -19.38 -23.67 -3.13
CA GLY A 31 -19.92 -23.86 -4.47
C GLY A 31 -21.17 -23.07 -4.83
N GLY A 32 -22.30 -23.41 -4.20
CA GLY A 32 -23.59 -22.80 -4.52
C GLY A 32 -23.71 -21.35 -4.07
N ILE A 45 -14.80 -4.64 -12.69
CA ILE A 45 -14.87 -3.26 -13.17
C ILE A 45 -13.49 -2.57 -13.03
N GLN A 46 -13.17 -1.72 -13.99
CA GLN A 46 -11.81 -1.17 -14.13
C GLN A 46 -11.65 0.20 -13.47
N ARG A 47 -10.51 0.40 -12.80
CA ARG A 47 -10.15 1.71 -12.26
C ARG A 47 -8.79 2.16 -12.79
N THR A 48 -8.73 3.45 -13.10
CA THR A 48 -7.58 4.07 -13.73
C THR A 48 -6.40 4.28 -12.77
N PRO A 49 -5.16 3.99 -13.23
CA PRO A 49 -4.00 4.23 -12.36
C PRO A 49 -3.72 5.72 -12.13
N GLN A 50 -3.41 6.07 -10.89
CA GLN A 50 -2.86 7.38 -10.55
C GLN A 50 -1.35 7.22 -10.41
N ILE A 51 -0.60 8.24 -10.84
CA ILE A 51 0.85 8.15 -10.94
C ILE A 51 1.48 9.35 -10.26
N GLN A 52 2.48 9.10 -9.41
CA GLN A 52 3.36 10.16 -8.90
C GLN A 52 4.79 9.82 -9.32
N VAL A 53 5.50 10.84 -9.83
CA VAL A 53 6.89 10.69 -10.25
C VAL A 53 7.70 11.69 -9.44
N TYR A 54 8.71 11.20 -8.72
CA TYR A 54 9.40 12.00 -7.71
C TYR A 54 10.69 11.33 -7.29
N SER A 55 11.64 12.12 -6.78
CA SER A 55 12.93 11.61 -6.35
C SER A 55 12.91 11.21 -4.87
N ARG A 56 13.72 10.22 -4.52
CA ARG A 56 13.84 9.78 -3.13
C ARG A 56 14.40 10.89 -2.24
N HIS A 57 15.46 11.54 -2.74
CA HIS A 57 16.16 12.61 -2.03
C HIS A 57 15.95 13.93 -2.75
N PRO A 58 16.05 15.08 -2.03
CA PRO A 58 15.87 16.37 -2.71
C PRO A 58 16.75 16.48 -3.96
N PRO A 59 16.16 16.87 -5.11
CA PRO A 59 16.91 16.79 -6.35
C PRO A 59 17.94 17.91 -6.46
N GLU A 60 19.17 17.54 -6.77
CA GLU A 60 20.26 18.49 -7.01
C GLU A 60 21.01 18.02 -8.24
N ASN A 61 21.18 18.91 -9.21
CA ASN A 61 21.85 18.57 -10.45
C ASN A 61 23.26 18.04 -10.16
N GLY A 62 23.60 16.92 -10.78
CA GLY A 62 24.91 16.28 -10.59
C GLY A 62 25.07 15.33 -9.42
N LYS A 63 24.09 15.28 -8.51
CA LYS A 63 24.18 14.42 -7.32
C LYS A 63 23.33 13.15 -7.48
N PRO A 64 23.95 11.95 -7.37
CA PRO A 64 23.21 10.69 -7.48
C PRO A 64 21.96 10.60 -6.59
N ASN A 65 20.90 10.03 -7.14
CA ASN A 65 19.58 10.02 -6.51
C ASN A 65 18.82 8.77 -7.00
N ILE A 66 17.59 8.62 -6.54
CA ILE A 66 16.70 7.56 -6.97
C ILE A 66 15.40 8.21 -7.45
N LEU A 67 14.97 7.85 -8.67
CA LEU A 67 13.68 8.31 -9.20
C LEU A 67 12.63 7.24 -8.97
N ASN A 68 11.50 7.66 -8.39
CA ASN A 68 10.38 6.78 -8.07
C ASN A 68 9.20 7.05 -8.99
N CYS A 69 8.51 5.99 -9.40
CA CYS A 69 7.19 6.09 -10.02
C CYS A 69 6.22 5.28 -9.18
N TYR A 70 5.36 5.97 -8.45
CA TYR A 70 4.42 5.33 -7.55
C TYR A 70 3.07 5.30 -8.23
N VAL A 71 2.61 4.09 -8.54
CA VAL A 71 1.41 3.87 -9.34
C VAL A 71 0.37 3.22 -8.44
N THR A 72 -0.78 3.86 -8.31
CA THR A 72 -1.80 3.48 -7.34
C THR A 72 -3.20 3.48 -7.95
N GLN A 73 -4.16 2.98 -7.18
CA GLN A 73 -5.60 3.08 -7.45
C GLN A 73 -6.10 2.34 -8.68
N PHE A 74 -5.35 1.34 -9.14
CA PHE A 74 -5.69 0.68 -10.41
C PHE A 74 -6.36 -0.67 -10.18
N HIS A 75 -7.17 -1.07 -11.14
CA HIS A 75 -7.78 -2.40 -11.17
C HIS A 75 -8.21 -2.72 -12.60
N PRO A 76 -7.91 -3.89 -13.15
CA PRO A 76 -7.25 -5.01 -12.46
C PRO A 76 -5.73 -4.80 -12.30
N SER A 77 -5.05 -5.80 -11.71
CA SER A 77 -3.65 -5.67 -11.35
C SER A 77 -2.67 -5.71 -12.52
N ASP A 78 -3.07 -6.31 -13.64
CA ASP A 78 -2.22 -6.36 -14.84
C ASP A 78 -1.93 -4.94 -15.34
N ILE A 79 -0.65 -4.64 -15.46
CA ILE A 79 -0.20 -3.28 -15.75
C ILE A 79 1.22 -3.33 -16.31
N GLU A 80 1.56 -2.38 -17.16
CA GLU A 80 2.93 -2.21 -17.63
C GLU A 80 3.38 -0.83 -17.17
N ILE A 81 4.54 -0.79 -16.50
CA ILE A 81 5.12 0.45 -16.01
C ILE A 81 6.54 0.58 -16.58
N GLN A 82 6.78 1.64 -17.33
CA GLN A 82 8.10 1.94 -17.89
C GLN A 82 8.55 3.31 -17.43
N MET A 83 9.84 3.43 -17.09
CA MET A 83 10.44 4.71 -16.77
C MET A 83 11.32 5.13 -17.94
N LEU A 84 11.29 6.42 -18.27
CA LEU A 84 11.91 6.95 -19.49
C LEU A 84 12.91 8.04 -19.14
N LYS A 85 14.02 8.06 -19.88
CA LYS A 85 14.99 9.15 -19.84
C LYS A 85 15.09 9.71 -21.24
N ASN A 86 14.78 10.99 -21.40
CA ASN A 86 14.71 11.65 -22.72
C ASN A 86 13.91 10.82 -23.73
N GLY A 87 12.78 10.28 -23.27
CA GLY A 87 11.89 9.47 -24.11
C GLY A 87 12.27 8.02 -24.34
N LYS A 88 13.44 7.57 -23.89
CA LYS A 88 13.94 6.21 -24.13
C LYS A 88 13.78 5.36 -22.87
N LYS A 89 13.40 4.11 -23.05
CA LYS A 89 13.20 3.18 -21.93
C LYS A 89 14.48 3.04 -21.12
N ILE A 90 14.37 3.24 -19.80
CA ILE A 90 15.46 2.95 -18.87
C ILE A 90 15.43 1.45 -18.59
N PRO A 91 16.54 0.74 -18.84
CA PRO A 91 16.53 -0.71 -18.76
C PRO A 91 16.48 -1.28 -17.34
N LYS A 92 17.24 -0.69 -16.41
CA LYS A 92 17.35 -1.23 -15.06
C LYS A 92 16.37 -0.53 -14.10
N VAL A 93 15.14 -1.05 -14.03
CA VAL A 93 14.06 -0.51 -13.19
C VAL A 93 13.51 -1.61 -12.29
N GLU A 94 13.57 -1.38 -10.98
CA GLU A 94 13.08 -2.36 -10.01
C GLU A 94 11.64 -2.04 -9.63
N MET A 95 10.85 -3.10 -9.45
CA MET A 95 9.42 -2.99 -9.16
C MET A 95 9.17 -3.64 -7.80
N SER A 96 8.36 -2.98 -6.97
CA SER A 96 7.89 -3.58 -5.73
C SER A 96 6.94 -4.74 -6.02
N ASP A 97 6.74 -5.59 -5.01
CA ASP A 97 5.80 -6.70 -5.08
C ASP A 97 4.38 -6.15 -5.01
N LEU A 98 3.50 -6.63 -5.90
CA LEU A 98 2.11 -6.19 -5.92
C LEU A 98 1.45 -6.27 -4.54
N SER A 99 0.91 -5.15 -4.09
CA SER A 99 0.11 -5.10 -2.87
C SER A 99 -1.09 -4.19 -3.11
N PHE A 100 -1.90 -4.00 -2.07
CA PHE A 100 -3.09 -3.18 -2.16
C PHE A 100 -3.45 -2.54 -0.83
N SER A 101 -4.23 -1.47 -0.91
CA SER A 101 -4.66 -0.69 0.25
C SER A 101 -6.03 -1.21 0.73
N LYS A 102 -6.61 -0.53 1.73
CA LYS A 102 -7.88 -0.93 2.37
C LYS A 102 -9.05 -1.09 1.41
N ASP A 103 -9.20 -0.14 0.48
CA ASP A 103 -10.24 -0.19 -0.55
C ASP A 103 -9.97 -1.17 -1.71
N TRP A 104 -8.95 -2.02 -1.59
CA TRP A 104 -8.63 -3.08 -2.56
C TRP A 104 -7.89 -2.62 -3.81
N SER A 105 -7.62 -1.32 -3.92
CA SER A 105 -6.93 -0.79 -5.09
C SER A 105 -5.43 -1.08 -4.97
N PHE A 106 -4.83 -1.47 -6.09
CA PHE A 106 -3.45 -1.94 -6.11
C PHE A 106 -2.45 -0.79 -6.08
N TYR A 107 -1.23 -1.10 -5.63
CA TYR A 107 -0.12 -0.15 -5.76
C TYR A 107 1.20 -0.86 -6.02
N ILE A 108 2.04 -0.20 -6.82
CA ILE A 108 3.38 -0.67 -7.15
C ILE A 108 4.29 0.56 -7.15
N LEU A 109 5.49 0.40 -6.58
CA LEU A 109 6.55 1.37 -6.69
C LEU A 109 7.57 0.86 -7.70
N ALA A 110 7.84 1.66 -8.72
CA ALA A 110 8.93 1.41 -9.63
C ALA A 110 10.02 2.42 -9.29
N HIS A 111 11.29 2.00 -9.38
CA HIS A 111 12.38 2.94 -9.11
C HIS A 111 13.65 2.60 -9.86
N THR A 112 14.45 3.63 -10.11
CA THR A 112 15.73 3.50 -10.78
C THR A 112 16.71 4.54 -10.27
N GLU A 113 17.99 4.22 -10.35
CA GLU A 113 19.04 5.18 -10.05
C GLU A 113 19.07 6.23 -11.15
N PHE A 114 19.29 7.49 -10.76
CA PHE A 114 19.50 8.56 -11.72
C PHE A 114 20.29 9.70 -11.10
N THR A 115 20.92 10.48 -11.98
CA THR A 115 21.61 11.68 -11.60
C THR A 115 21.00 12.79 -12.43
N PRO A 116 20.17 13.65 -11.79
CA PRO A 116 19.51 14.68 -12.58
C PRO A 116 20.48 15.74 -13.10
N THR A 117 20.11 16.34 -14.23
CA THR A 117 20.83 17.45 -14.83
C THR A 117 19.81 18.51 -15.24
N GLU A 118 20.28 19.65 -15.74
CA GLU A 118 19.38 20.73 -16.18
C GLU A 118 18.51 20.35 -17.38
N THR A 119 19.08 19.55 -18.30
CA THR A 119 18.46 19.28 -19.60
C THR A 119 17.73 17.93 -19.72
N ASP A 120 18.19 16.91 -18.99
CA ASP A 120 17.58 15.57 -19.09
C ASP A 120 16.14 15.58 -18.56
N THR A 121 15.23 15.02 -19.34
CA THR A 121 13.83 14.82 -18.91
C THR A 121 13.63 13.38 -18.46
N TYR A 122 12.75 13.20 -17.48
CA TYR A 122 12.41 11.87 -16.98
C TYR A 122 10.91 11.73 -16.91
N ALA A 123 10.43 10.52 -17.19
CA ALA A 123 9.00 10.27 -17.15
C ALA A 123 8.72 8.85 -16.75
N CYS A 124 7.46 8.60 -16.41
CA CYS A 124 6.96 7.27 -16.14
C CYS A 124 5.73 7.05 -16.99
N ARG A 125 5.70 5.94 -17.72
CA ARG A 125 4.62 5.64 -18.65
C ARG A 125 3.93 4.36 -18.21
N VAL A 126 2.61 4.41 -18.16
CA VAL A 126 1.79 3.31 -17.67
C VAL A 126 0.81 2.89 -18.76
N LYS A 127 0.76 1.58 -19.04
CA LYS A 127 -0.28 0.99 -19.87
C LYS A 127 -1.15 0.12 -18.99
N HIS A 128 -2.46 0.28 -19.12
CA HIS A 128 -3.44 -0.41 -18.31
C HIS A 128 -4.75 -0.51 -19.10
N ALA A 129 -5.53 -1.59 -18.88
CA ALA A 129 -6.79 -1.83 -19.62
C ALA A 129 -7.87 -0.75 -19.44
N SER A 130 -7.79 0.01 -18.35
CA SER A 130 -8.69 1.13 -18.08
C SER A 130 -8.52 2.33 -19.01
N MET A 131 -7.40 2.42 -19.73
CA MET A 131 -7.08 3.57 -20.59
C MET A 131 -6.88 3.11 -22.03
N ALA A 132 -7.43 3.87 -22.98
CA ALA A 132 -7.26 3.58 -24.40
C ALA A 132 -5.81 3.77 -24.85
N GLU A 133 -5.17 4.84 -24.36
CA GLU A 133 -3.77 5.16 -24.64
C GLU A 133 -2.94 5.08 -23.35
N PRO A 134 -1.62 4.81 -23.47
CA PRO A 134 -0.76 4.88 -22.27
C PRO A 134 -0.74 6.28 -21.66
N LYS A 135 -0.68 6.36 -20.33
CA LYS A 135 -0.51 7.64 -19.63
C LYS A 135 0.96 7.86 -19.29
N THR A 136 1.49 9.00 -19.72
CA THR A 136 2.87 9.37 -19.45
C THR A 136 2.89 10.58 -18.53
N VAL A 137 3.58 10.47 -17.40
CA VAL A 137 3.73 11.56 -16.44
C VAL A 137 5.20 11.92 -16.32
N TYR A 138 5.53 13.17 -16.63
CA TYR A 138 6.90 13.65 -16.59
C TYR A 138 7.28 14.04 -15.16
N TRP A 139 8.54 13.83 -14.81
CA TRP A 139 9.07 14.28 -13.54
C TRP A 139 9.10 15.83 -13.53
N ASP A 140 8.51 16.41 -12.49
CA ASP A 140 8.37 17.87 -12.34
C ASP A 140 8.86 18.27 -10.94
N ARG A 141 9.93 19.06 -10.88
CA ARG A 141 10.57 19.41 -9.59
C ARG A 141 9.75 20.44 -8.80
N ASP A 142 9.46 21.57 -9.46
CA ASP A 142 8.68 22.68 -8.90
C ASP A 142 7.27 22.69 -9.50
N GLY A 164 1.82 4.43 19.11
CA GLY A 164 2.34 3.33 19.92
C GLY A 164 1.85 1.95 19.49
N SER A 165 0.96 1.88 18.51
CA SER A 165 0.44 0.60 18.05
C SER A 165 1.33 -0.01 16.97
N HIS A 166 1.13 -1.30 16.73
CA HIS A 166 1.81 -2.01 15.65
C HIS A 166 0.83 -2.97 15.02
N SER A 167 1.13 -3.38 13.79
CA SER A 167 0.27 -4.31 13.07
C SER A 167 1.09 -5.33 12.30
N MET A 168 0.52 -6.51 12.13
CA MET A 168 1.00 -7.46 11.14
C MET A 168 -0.12 -7.69 10.15
N ARG A 169 0.20 -7.63 8.85
CA ARG A 169 -0.78 -7.78 7.79
C ARG A 169 -0.22 -8.64 6.67
N TYR A 170 -1.06 -9.53 6.16
CA TYR A 170 -0.77 -10.25 4.93
C TYR A 170 -1.79 -9.86 3.85
N PHE A 171 -1.30 -9.71 2.63
CA PHE A 171 -2.08 -9.31 1.47
C PHE A 171 -1.88 -10.36 0.39
N PHE A 172 -2.98 -10.90 -0.13
CA PHE A 172 -2.94 -11.98 -1.12
C PHE A 172 -3.75 -11.57 -2.34
N THR A 173 -3.16 -11.77 -3.53
CA THR A 173 -3.85 -11.49 -4.78
C THR A 173 -3.73 -12.70 -5.70
N SER A 174 -4.86 -13.25 -6.14
CA SER A 174 -4.91 -14.30 -7.18
C SER A 174 -5.65 -13.79 -8.41
N VAL A 175 -5.04 -13.99 -9.59
CA VAL A 175 -5.60 -13.55 -10.87
C VAL A 175 -5.72 -14.74 -11.82
N SER A 176 -6.94 -15.15 -12.16
CA SER A 176 -7.14 -16.29 -13.05
C SER A 176 -6.63 -15.98 -14.47
N ARG A 177 -6.20 -17.02 -15.17
CA ARG A 177 -5.76 -16.91 -16.56
C ARG A 177 -6.17 -18.20 -17.28
N PRO A 178 -7.47 -18.31 -17.62
CA PRO A 178 -8.00 -19.53 -18.21
C PRO A 178 -7.25 -19.93 -19.48
N GLY A 179 -6.91 -21.22 -19.56
CA GLY A 179 -6.10 -21.74 -20.65
C GLY A 179 -4.61 -21.56 -20.47
N ARG A 180 -4.17 -20.92 -19.38
CA ARG A 180 -2.77 -20.57 -19.19
C ARG A 180 -2.30 -20.95 -17.80
N GLY A 181 -2.73 -22.12 -17.34
CA GLY A 181 -2.29 -22.67 -16.06
C GLY A 181 -3.03 -22.10 -14.87
N GLU A 182 -2.43 -22.26 -13.70
CA GLU A 182 -3.05 -21.85 -12.44
C GLU A 182 -2.99 -20.34 -12.31
N PRO A 183 -3.83 -19.76 -11.43
CA PRO A 183 -3.82 -18.30 -11.29
C PRO A 183 -2.45 -17.74 -10.91
N ARG A 184 -2.16 -16.51 -11.35
CA ARG A 184 -1.02 -15.77 -10.84
C ARG A 184 -1.32 -15.45 -9.37
N PHE A 185 -0.43 -15.84 -8.47
CA PHE A 185 -0.64 -15.66 -7.04
C PHE A 185 0.52 -14.88 -6.42
N ILE A 186 0.19 -13.77 -5.76
CA ILE A 186 1.20 -12.92 -5.12
C ILE A 186 0.78 -12.67 -3.67
N ALA A 187 1.70 -12.97 -2.75
CA ALA A 187 1.50 -12.74 -1.33
C ALA A 187 2.61 -11.87 -0.77
N VAL A 188 2.24 -10.91 0.07
CA VAL A 188 3.20 -10.06 0.76
C VAL A 188 2.79 -9.91 2.22
N GLY A 189 3.78 -9.86 3.10
CA GLY A 189 3.59 -9.69 4.53
C GLY A 189 4.24 -8.40 5.01
N TYR A 190 3.53 -7.67 5.88
CA TYR A 190 4.00 -6.42 6.45
C TYR A 190 3.95 -6.45 7.97
N VAL A 191 4.94 -5.82 8.61
CA VAL A 191 4.81 -5.35 9.98
C VAL A 191 4.80 -3.84 9.88
N ASP A 192 3.73 -3.22 10.37
CA ASP A 192 3.48 -1.79 10.17
C ASP A 192 3.61 -1.48 8.67
N ASP A 193 4.47 -0.53 8.28
CA ASP A 193 4.64 -0.21 6.86
C ASP A 193 5.94 -0.76 6.28
N THR A 194 6.46 -1.82 6.90
CA THR A 194 7.70 -2.48 6.48
C THR A 194 7.36 -3.87 5.94
N GLN A 195 7.57 -4.09 4.65
CA GLN A 195 7.36 -5.41 4.06
C GLN A 195 8.47 -6.32 4.56
N PHE A 196 8.11 -7.56 4.91
CA PHE A 196 9.12 -8.52 5.40
C PHE A 196 9.17 -9.88 4.70
N VAL A 197 8.11 -10.28 4.01
CA VAL A 197 8.12 -11.50 3.21
C VAL A 197 7.34 -11.32 1.91
N ARG A 198 7.62 -12.20 0.95
CA ARG A 198 6.88 -12.25 -0.31
C ARG A 198 6.79 -13.69 -0.83
N PHE A 199 5.78 -13.92 -1.66
CA PHE A 199 5.70 -15.09 -2.51
C PHE A 199 5.12 -14.65 -3.86
N ASP A 200 5.70 -15.17 -4.94
CA ASP A 200 5.13 -14.97 -6.28
C ASP A 200 5.16 -16.32 -6.97
N SER A 201 3.98 -16.79 -7.39
CA SER A 201 3.84 -18.09 -8.05
C SER A 201 4.68 -18.22 -9.32
N ASP A 202 4.97 -17.10 -9.99
CA ASP A 202 5.77 -17.12 -11.22
C ASP A 202 7.28 -16.84 -11.01
N ALA A 203 7.71 -16.61 -9.77
CA ALA A 203 9.12 -16.52 -9.45
C ALA A 203 9.74 -17.93 -9.42
N ALA A 204 11.07 -17.99 -9.46
CA ALA A 204 11.80 -19.25 -9.60
C ALA A 204 11.85 -20.11 -8.33
N SER A 205 11.91 -19.46 -7.16
CA SER A 205 12.17 -20.19 -5.90
C SER A 205 11.04 -21.13 -5.48
N GLN A 206 9.80 -20.74 -5.75
CA GLN A 206 8.62 -21.43 -5.21
C GLN A 206 8.68 -21.54 -3.68
N ARG A 207 9.19 -20.49 -3.05
CA ARG A 207 9.30 -20.41 -1.59
C ARG A 207 8.89 -19.03 -1.11
N MET A 208 8.46 -18.95 0.14
CA MET A 208 8.34 -17.67 0.82
C MET A 208 9.75 -17.10 0.93
N GLU A 209 9.90 -15.81 0.64
CA GLU A 209 11.22 -15.18 0.59
C GLU A 209 11.30 -14.01 1.54
N PRO A 210 12.49 -13.76 2.14
CA PRO A 210 12.65 -12.61 3.02
C PRO A 210 12.76 -11.30 2.23
N ARG A 211 12.21 -10.22 2.81
CA ARG A 211 12.31 -8.87 2.23
CA ARG A 211 12.30 -8.88 2.23
C ARG A 211 12.73 -7.84 3.28
N ALA A 212 13.24 -8.31 4.41
CA ALA A 212 13.75 -7.47 5.49
C ALA A 212 14.84 -8.24 6.23
N PRO A 213 15.91 -7.55 6.66
CA PRO A 213 17.06 -8.26 7.25
C PRO A 213 16.73 -9.04 8.52
N TRP A 214 15.86 -8.47 9.36
CA TRP A 214 15.50 -9.08 10.64
C TRP A 214 14.77 -10.44 10.56
N ILE A 215 14.02 -10.70 9.49
CA ILE A 215 13.34 -12.01 9.30
C ILE A 215 14.31 -13.10 8.81
N GLU A 216 15.45 -12.71 8.25
CA GLU A 216 16.46 -13.68 7.78
C GLU A 216 17.08 -14.51 8.91
N GLN A 217 16.98 -14.01 10.15
CA GLN A 217 17.30 -14.76 11.39
C GLN A 217 16.55 -16.08 11.53
N GLU A 218 15.32 -16.15 11.01
CA GLU A 218 14.47 -17.31 11.23
C GLU A 218 15.10 -18.52 10.53
N GLY A 219 15.03 -19.66 11.19
CA GLY A 219 15.64 -20.87 10.67
C GLY A 219 14.89 -21.51 9.53
N PRO A 220 15.41 -22.62 9.00
CA PRO A 220 14.77 -23.26 7.85
C PRO A 220 13.38 -23.86 8.14
N GLU A 221 13.10 -24.20 9.40
CA GLU A 221 11.76 -24.71 9.77
C GLU A 221 10.70 -23.63 9.56
N TYR A 222 11.03 -22.41 9.95
CA TYR A 222 10.15 -21.25 9.72
C TYR A 222 9.83 -21.11 8.23
N TRP A 223 10.87 -21.08 7.40
CA TRP A 223 10.69 -20.87 5.95
C TRP A 223 9.90 -22.02 5.31
N ASP A 224 10.15 -23.24 5.76
CA ASP A 224 9.43 -24.42 5.25
CA ASP A 224 9.42 -24.41 5.24
C ASP A 224 7.93 -24.33 5.58
N GLY A 225 7.63 -23.95 6.82
CA GLY A 225 6.25 -23.82 7.27
C GLY A 225 5.51 -22.72 6.52
N GLU A 226 6.16 -21.57 6.35
CA GLU A 226 5.55 -20.45 5.65
C GLU A 226 5.34 -20.75 4.16
N THR A 227 6.29 -21.46 3.56
CA THR A 227 6.15 -21.92 2.18
C THR A 227 4.97 -22.88 2.03
N ARG A 228 4.86 -23.86 2.93
CA ARG A 228 3.72 -24.80 2.92
C ARG A 228 2.39 -24.03 3.00
N LYS A 229 2.31 -23.11 3.95
CA LYS A 229 1.09 -22.33 4.17
C LYS A 229 0.75 -21.39 3.01
N VAL A 230 1.75 -20.72 2.43
CA VAL A 230 1.48 -19.77 1.33
C VAL A 230 0.99 -20.53 0.08
N LYS A 231 1.56 -21.71 -0.19
CA LYS A 231 1.09 -22.55 -1.29
C LYS A 231 -0.36 -23.03 -1.06
N ALA A 232 -0.68 -23.40 0.18
CA ALA A 232 -2.06 -23.75 0.56
C ALA A 232 -3.03 -22.56 0.37
N HIS A 233 -2.59 -21.34 0.69
CA HIS A 233 -3.39 -20.14 0.43
C HIS A 233 -3.68 -20.03 -1.06
N SER A 234 -2.67 -20.23 -1.91
CA SER A 234 -2.82 -20.14 -3.37
C SER A 234 -3.86 -21.11 -3.91
N GLN A 235 -3.88 -22.33 -3.37
CA GLN A 235 -4.85 -23.33 -3.82
C GLN A 235 -6.27 -23.00 -3.38
N THR A 236 -6.42 -22.48 -2.17
CA THR A 236 -7.72 -22.03 -1.70
C THR A 236 -8.28 -20.91 -2.58
N HIS A 237 -7.43 -19.96 -2.95
CA HIS A 237 -7.81 -18.89 -3.86
C HIS A 237 -8.12 -19.38 -5.27
N ARG A 238 -7.36 -20.37 -5.76
CA ARG A 238 -7.70 -21.03 -7.01
C ARG A 238 -9.12 -21.60 -6.96
N VAL A 239 -9.43 -22.34 -5.91
CA VAL A 239 -10.78 -22.90 -5.70
C VAL A 239 -11.83 -21.77 -5.65
N ASP A 240 -11.57 -20.75 -4.84
CA ASP A 240 -12.48 -19.59 -4.70
C ASP A 240 -12.82 -18.94 -6.05
N LEU A 241 -11.81 -18.75 -6.91
CA LEU A 241 -12.02 -18.18 -8.25
C LEU A 241 -13.01 -19.01 -9.07
N GLY A 242 -12.88 -20.33 -8.99
CA GLY A 242 -13.78 -21.25 -9.68
C GLY A 242 -15.22 -21.15 -9.20
N THR A 243 -15.41 -21.15 -7.89
CA THR A 243 -16.75 -21.11 -7.31
C THR A 243 -17.40 -19.73 -7.39
N LEU A 244 -16.61 -18.68 -7.20
CA LEU A 244 -17.10 -17.30 -7.41
C LEU A 244 -17.55 -17.06 -8.86
N ARG A 245 -16.81 -17.62 -9.82
CA ARG A 245 -17.20 -17.53 -11.23
C ARG A 245 -18.60 -18.11 -11.45
N GLY A 246 -18.86 -19.27 -10.85
CA GLY A 246 -20.17 -19.91 -10.86
C GLY A 246 -21.23 -19.09 -10.16
N ALA A 247 -20.91 -18.55 -9.00
CA ALA A 247 -21.84 -17.73 -8.21
C ALA A 247 -22.34 -16.49 -8.96
N TYR A 248 -21.48 -15.85 -9.75
CA TYR A 248 -21.86 -14.68 -10.54
C TYR A 248 -22.18 -14.98 -12.01
N ASN A 249 -22.33 -16.26 -12.36
CA ASN A 249 -22.66 -16.71 -13.72
C ASN A 249 -21.77 -16.08 -14.79
N GLN A 250 -20.46 -16.11 -14.55
CA GLN A 250 -19.48 -15.56 -15.48
C GLN A 250 -18.92 -16.68 -16.35
N SER A 251 -18.44 -16.32 -17.54
CA SER A 251 -17.85 -17.31 -18.44
C SER A 251 -16.52 -17.83 -17.93
N GLU A 252 -16.14 -19.03 -18.41
CA GLU A 252 -14.84 -19.62 -18.10
C GLU A 252 -13.67 -18.94 -18.84
N ALA A 253 -13.95 -18.01 -19.76
CA ALA A 253 -12.90 -17.36 -20.56
C ALA A 253 -12.22 -16.15 -19.91
N GLY A 254 -12.96 -15.37 -19.11
CA GLY A 254 -12.45 -14.11 -18.58
C GLY A 254 -11.50 -14.27 -17.39
N SER A 255 -10.62 -13.29 -17.22
CA SER A 255 -9.74 -13.25 -16.06
C SER A 255 -10.45 -12.52 -14.91
N HIS A 256 -10.35 -13.07 -13.70
CA HIS A 256 -10.94 -12.46 -12.51
C HIS A 256 -9.94 -12.46 -11.36
N THR A 257 -10.27 -11.72 -10.30
CA THR A 257 -9.34 -11.46 -9.20
C THR A 257 -9.98 -11.75 -7.85
N VAL A 258 -9.25 -12.46 -7.00
CA VAL A 258 -9.59 -12.57 -5.59
C VAL A 258 -8.46 -11.91 -4.80
N GLN A 259 -8.86 -11.08 -3.82
CA GLN A 259 -7.94 -10.44 -2.91
C GLN A 259 -8.37 -10.80 -1.51
N ARG A 260 -7.39 -11.04 -0.66
CA ARG A 260 -7.61 -11.36 0.74
C ARG A 260 -6.58 -10.62 1.58
N MET A 261 -7.05 -10.00 2.66
CA MET A 261 -6.19 -9.39 3.65
C MET A 261 -6.59 -9.89 5.02
N TYR A 262 -5.60 -10.23 5.85
CA TYR A 262 -5.84 -10.48 7.26
C TYR A 262 -4.65 -10.06 8.11
N GLY A 263 -4.88 -9.99 9.42
CA GLY A 263 -3.85 -9.63 10.37
C GLY A 263 -4.38 -9.04 11.66
N CYS A 264 -3.45 -8.61 12.50
CA CYS A 264 -3.77 -8.11 13.84
C CYS A 264 -3.04 -6.82 14.12
N ASP A 265 -3.69 -5.95 14.92
CA ASP A 265 -3.06 -4.78 15.53
C ASP A 265 -2.88 -5.06 17.01
N VAL A 266 -1.78 -4.56 17.56
CA VAL A 266 -1.58 -4.56 19.02
C VAL A 266 -1.41 -3.12 19.50
N GLY A 267 -1.68 -2.90 20.79
CA GLY A 267 -1.56 -1.57 21.40
C GLY A 267 -0.15 -1.31 21.91
N SER A 268 0.01 -0.23 22.66
CA SER A 268 1.31 0.19 23.20
C SER A 268 1.89 -0.82 24.22
N ASP A 269 1.02 -1.61 24.83
CA ASP A 269 1.42 -2.72 25.70
C ASP A 269 1.56 -4.06 24.97
N TRP A 270 1.47 -4.04 23.64
CA TRP A 270 1.53 -5.21 22.78
C TRP A 270 0.47 -6.29 23.07
N ARG A 271 -0.68 -5.86 23.57
CA ARG A 271 -1.82 -6.74 23.71
C ARG A 271 -2.70 -6.56 22.49
N PHE A 272 -3.40 -7.63 22.11
CA PHE A 272 -4.37 -7.59 21.00
C PHE A 272 -5.20 -6.32 21.04
N LEU A 273 -5.32 -5.67 19.89
CA LEU A 273 -6.14 -4.46 19.73
C LEU A 273 -7.27 -4.67 18.73
N ARG A 274 -6.95 -5.13 17.52
CA ARG A 274 -7.93 -5.37 16.45
C ARG A 274 -7.49 -6.52 15.56
N GLY A 275 -8.47 -7.17 14.94
CA GLY A 275 -8.23 -8.20 13.92
C GLY A 275 -8.99 -7.89 12.63
N TYR A 276 -8.49 -8.46 11.53
CA TYR A 276 -9.06 -8.28 10.21
C TYR A 276 -8.96 -9.60 9.47
N HIS A 277 -9.97 -9.88 8.66
CA HIS A 277 -9.94 -11.01 7.73
C HIS A 277 -11.05 -10.78 6.70
N GLN A 278 -10.66 -10.33 5.51
CA GLN A 278 -11.64 -9.87 4.53
C GLN A 278 -11.24 -10.21 3.11
N TYR A 279 -12.24 -10.26 2.23
CA TYR A 279 -12.09 -10.67 0.85
C TYR A 279 -12.75 -9.69 -0.08
N ALA A 280 -12.22 -9.63 -1.30
CA ALA A 280 -12.83 -8.90 -2.40
C ALA A 280 -12.74 -9.76 -3.65
N TYR A 281 -13.77 -9.66 -4.48
CA TYR A 281 -13.79 -10.32 -5.79
C TYR A 281 -13.89 -9.22 -6.86
N ASP A 282 -12.98 -9.27 -7.82
CA ASP A 282 -12.86 -8.23 -8.85
C ASP A 282 -12.84 -6.81 -8.28
N GLY A 283 -12.08 -6.64 -7.20
CA GLY A 283 -11.87 -5.34 -6.57
C GLY A 283 -13.02 -4.79 -5.75
N LYS A 284 -14.06 -5.59 -5.52
CA LYS A 284 -15.22 -5.15 -4.75
C LYS A 284 -15.37 -6.04 -3.52
N ASP A 285 -15.76 -5.44 -2.40
CA ASP A 285 -16.03 -6.17 -1.15
C ASP A 285 -16.89 -7.40 -1.41
N TYR A 286 -16.47 -8.54 -0.87
CA TYR A 286 -17.25 -9.78 -0.97
C TYR A 286 -17.72 -10.16 0.45
N ILE A 287 -16.79 -10.55 1.31
CA ILE A 287 -17.11 -10.87 2.71
C ILE A 287 -15.98 -10.39 3.62
N ALA A 288 -16.34 -9.93 4.81
CA ALA A 288 -15.37 -9.42 5.77
C ALA A 288 -15.74 -9.86 7.18
N LEU A 289 -14.74 -10.25 7.95
CA LEU A 289 -14.91 -10.51 9.37
C LEU A 289 -15.07 -9.18 10.08
N LYS A 290 -16.16 -9.03 10.84
CA LYS A 290 -16.39 -7.79 11.57
C LYS A 290 -15.46 -7.65 12.77
N GLU A 291 -15.37 -6.45 13.32
CA GLU A 291 -14.45 -6.16 14.43
C GLU A 291 -14.60 -7.06 15.64
N ASP A 292 -15.81 -7.55 15.91
CA ASP A 292 -16.01 -8.50 17.02
C ASP A 292 -15.40 -9.90 16.80
N LEU A 293 -14.91 -10.18 15.59
CA LEU A 293 -14.28 -11.48 15.25
C LEU A 293 -15.21 -12.69 15.46
N ARG A 294 -16.52 -12.44 15.36
CA ARG A 294 -17.56 -13.43 15.61
C ARG A 294 -18.68 -13.45 14.55
N SER A 295 -18.72 -12.44 13.67
CA SER A 295 -19.78 -12.27 12.67
C SER A 295 -19.19 -11.70 11.39
N TRP A 296 -19.99 -11.69 10.33
CA TRP A 296 -19.54 -11.34 8.99
C TRP A 296 -20.39 -10.24 8.35
N THR A 297 -19.74 -9.42 7.53
CA THR A 297 -20.40 -8.46 6.65
C THR A 297 -20.30 -9.01 5.23
N ALA A 298 -21.45 -9.40 4.67
CA ALA A 298 -21.54 -9.89 3.30
C ALA A 298 -22.07 -8.78 2.42
N ALA A 299 -21.37 -8.51 1.31
CA ALA A 299 -21.64 -7.32 0.50
C ALA A 299 -22.83 -7.48 -0.47
N ASP A 300 -23.17 -8.72 -0.82
CA ASP A 300 -24.25 -8.99 -1.78
C ASP A 300 -24.86 -10.39 -1.53
N MET A 301 -25.66 -10.88 -2.47
CA MET A 301 -26.41 -12.13 -2.30
C MET A 301 -25.53 -13.37 -2.35
N ALA A 302 -24.56 -13.39 -3.25
CA ALA A 302 -23.62 -14.50 -3.34
C ALA A 302 -22.82 -14.66 -2.05
N ALA A 303 -22.37 -13.54 -1.49
CA ALA A 303 -21.61 -13.53 -0.23
C ALA A 303 -22.43 -14.01 0.98
N GLN A 304 -23.74 -13.80 0.96
CA GLN A 304 -24.63 -14.36 1.98
C GLN A 304 -24.58 -15.88 2.06
N THR A 305 -24.44 -16.55 0.91
CA THR A 305 -24.26 -18.02 0.90
C THR A 305 -22.97 -18.41 1.63
N THR A 306 -21.88 -17.69 1.37
CA THR A 306 -20.64 -17.92 2.08
C THR A 306 -20.79 -17.58 3.57
N LYS A 307 -21.41 -16.46 3.87
CA LYS A 307 -21.67 -16.06 5.25
C LYS A 307 -22.36 -17.16 6.06
N HIS A 308 -23.46 -17.70 5.50
CA HIS A 308 -24.23 -18.74 6.18
C HIS A 308 -23.41 -20.01 6.31
N LYS A 309 -22.63 -20.34 5.27
CA LYS A 309 -21.72 -21.48 5.29
C LYS A 309 -20.68 -21.38 6.41
N TRP A 310 -20.03 -20.22 6.50
CA TRP A 310 -19.00 -19.99 7.52
C TRP A 310 -19.58 -19.86 8.93
N GLU A 311 -20.78 -19.30 9.04
CA GLU A 311 -21.51 -19.28 10.32
C GLU A 311 -21.77 -20.70 10.82
N ALA A 312 -22.25 -21.56 9.92
CA ALA A 312 -22.54 -22.96 10.26
C ALA A 312 -21.28 -23.71 10.69
N ALA A 313 -20.17 -23.47 9.99
CA ALA A 313 -18.90 -24.14 10.30
C ALA A 313 -18.07 -23.47 11.41
N HIS A 314 -18.56 -22.37 11.98
CA HIS A 314 -17.88 -21.63 13.05
C HIS A 314 -16.43 -21.22 12.68
N VAL A 315 -16.33 -20.64 11.48
CA VAL A 315 -15.05 -20.20 10.92
C VAL A 315 -14.52 -18.99 11.69
N ALA A 316 -15.41 -18.07 12.07
CA ALA A 316 -15.03 -16.85 12.80
C ALA A 316 -14.28 -17.13 14.11
N GLU A 317 -14.75 -18.12 14.85
CA GLU A 317 -14.13 -18.48 16.13
C GLU A 317 -12.73 -19.06 15.93
N GLN A 318 -12.54 -19.84 14.86
CA GLN A 318 -11.21 -20.35 14.50
C GLN A 318 -10.25 -19.23 14.09
N LEU A 319 -10.75 -18.28 13.30
CA LEU A 319 -9.95 -17.12 12.91
C LEU A 319 -9.62 -16.22 14.10
N ARG A 320 -10.61 -16.03 14.97
CA ARG A 320 -10.42 -15.27 16.21
C ARG A 320 -9.25 -15.81 17.04
N ALA A 321 -9.11 -17.12 17.10
CA ALA A 321 -8.03 -17.75 17.88
C ALA A 321 -6.65 -17.43 17.33
N TYR A 322 -6.51 -17.46 16.01
CA TYR A 322 -5.29 -17.02 15.34
C TYR A 322 -5.05 -15.52 15.57
N LEU A 323 -6.07 -14.70 15.31
CA LEU A 323 -5.92 -13.24 15.32
C LEU A 323 -5.56 -12.68 16.69
N GLU A 324 -6.18 -13.24 17.75
CA GLU A 324 -5.92 -12.80 19.13
C GLU A 324 -4.75 -13.52 19.81
N GLY A 325 -4.31 -14.64 19.25
CA GLY A 325 -3.25 -15.47 19.87
C GLY A 325 -1.98 -15.50 19.05
N THR A 326 -1.94 -16.43 18.10
CA THR A 326 -0.79 -16.67 17.22
C THR A 326 -0.28 -15.42 16.51
N CYS A 327 -1.19 -14.68 15.86
CA CYS A 327 -0.83 -13.45 15.15
C CYS A 327 -0.11 -12.47 16.08
N VAL A 328 -0.68 -12.25 17.26
CA VAL A 328 -0.14 -11.33 18.24
C VAL A 328 1.23 -11.81 18.76
N GLU A 329 1.33 -13.10 19.06
CA GLU A 329 2.58 -13.67 19.60
C GLU A 329 3.73 -13.52 18.60
N TRP A 330 3.46 -13.80 17.34
CA TRP A 330 4.47 -13.67 16.31
C TRP A 330 4.80 -12.21 15.99
N LEU A 331 3.80 -11.33 16.02
CA LEU A 331 4.07 -9.91 15.89
C LEU A 331 5.07 -9.44 16.97
N ARG A 332 4.84 -9.81 18.23
CA ARG A 332 5.75 -9.45 19.32
C ARG A 332 7.17 -9.92 19.03
N ARG A 333 7.30 -11.16 18.57
CA ARG A 333 8.61 -11.73 18.22
C ARG A 333 9.30 -10.91 17.14
N TYR A 334 8.55 -10.54 16.10
CA TYR A 334 9.11 -9.74 15.00
C TYR A 334 9.54 -8.36 15.49
N LEU A 335 8.72 -7.72 16.32
CA LEU A 335 9.06 -6.43 16.91
C LEU A 335 10.35 -6.46 17.73
N GLU A 336 10.57 -7.55 18.47
CA GLU A 336 11.80 -7.71 19.24
C GLU A 336 13.00 -8.00 18.33
N ASN A 337 12.84 -8.91 17.37
CA ASN A 337 13.92 -9.26 16.45
C ASN A 337 14.30 -8.11 15.51
N GLY A 338 13.30 -7.35 15.06
CA GLY A 338 13.54 -6.20 14.18
C GLY A 338 13.50 -4.86 14.89
N LYS A 339 13.90 -4.84 16.17
CA LYS A 339 13.71 -3.68 17.06
C LYS A 339 14.18 -2.35 16.47
N GLU A 340 15.41 -2.30 15.99
CA GLU A 340 15.99 -1.07 15.46
C GLU A 340 15.15 -0.46 14.35
N THR A 341 14.77 -1.29 13.39
CA THR A 341 14.00 -0.84 12.22
C THR A 341 12.48 -0.75 12.47
N LEU A 342 11.93 -1.63 13.30
CA LEU A 342 10.48 -1.69 13.53
C LEU A 342 9.99 -0.82 14.68
N GLN A 343 10.70 -0.83 15.81
CA GLN A 343 10.33 0.00 16.96
C GLN A 343 10.99 1.36 16.83
N ARG A 344 10.54 2.12 15.86
CA ARG A 344 11.10 3.45 15.62
C ARG A 344 10.01 4.35 15.09
N THR A 345 10.18 5.64 15.35
CA THR A 345 9.40 6.67 14.71
C THR A 345 10.36 7.71 14.19
N ASP A 346 10.28 7.97 12.88
CA ASP A 346 11.02 9.07 12.26
C ASP A 346 10.03 10.20 12.07
N SER A 347 10.36 11.36 12.64
CA SER A 347 9.47 12.51 12.60
C SER A 347 9.48 13.13 11.22
N PRO A 348 8.34 13.71 10.80
CA PRO A 348 8.34 14.41 9.51
C PRO A 348 9.23 15.64 9.51
N LYS A 349 10.11 15.73 8.52
CA LYS A 349 10.91 16.92 8.25
C LYS A 349 10.07 17.79 7.32
N ALA A 350 9.58 18.92 7.84
CA ALA A 350 8.59 19.72 7.15
C ALA A 350 9.13 21.06 6.67
N HIS A 351 8.58 21.54 5.57
CA HIS A 351 8.81 22.91 5.12
C HIS A 351 7.69 23.32 4.16
N VAL A 352 7.61 24.61 3.89
CA VAL A 352 6.63 25.18 2.98
C VAL A 352 7.37 25.82 1.82
N THR A 353 6.91 25.53 0.60
CA THR A 353 7.44 26.15 -0.61
C THR A 353 6.41 27.10 -1.21
N TYR A 354 6.93 28.01 -2.04
CA TYR A 354 6.18 29.06 -2.73
C TYR A 354 6.18 28.67 -4.20
N HIS A 355 5.16 29.12 -4.91
CA HIS A 355 5.11 28.95 -6.35
C HIS A 355 4.18 30.02 -6.88
N PRO A 356 4.71 31.00 -7.64
CA PRO A 356 3.80 31.97 -8.25
C PRO A 356 2.75 31.30 -9.11
N ARG A 357 1.54 31.86 -9.09
CA ARG A 357 0.41 31.32 -9.82
C ARG A 357 -0.10 32.43 -10.76
N SER A 358 -1.19 33.13 -10.41
CA SER A 358 -1.64 34.28 -11.19
C SER A 358 -0.95 35.55 -10.69
N GLN A 359 -1.34 36.70 -11.23
CA GLN A 359 -0.91 37.99 -10.68
C GLN A 359 -1.56 38.30 -9.30
N VAL A 360 -2.67 37.61 -8.99
CA VAL A 360 -3.49 37.84 -7.80
C VAL A 360 -3.27 36.83 -6.65
N ASP A 361 -2.78 35.61 -6.95
CA ASP A 361 -2.59 34.59 -5.91
C ASP A 361 -1.37 33.70 -6.14
N VAL A 362 -1.11 32.84 -5.16
CA VAL A 362 0.08 32.00 -5.09
C VAL A 362 -0.35 30.61 -4.62
N THR A 363 0.42 29.59 -4.99
CA THR A 363 0.26 28.26 -4.41
C THR A 363 1.28 28.08 -3.29
N LEU A 364 0.80 27.72 -2.10
CA LEU A 364 1.67 27.31 -0.99
C LEU A 364 1.56 25.80 -0.80
N ARG A 365 2.70 25.11 -0.75
CA ARG A 365 2.74 23.65 -0.61
C ARG A 365 3.49 23.27 0.66
N CYS A 366 2.81 22.56 1.54
CA CYS A 366 3.38 22.09 2.79
C CYS A 366 3.88 20.66 2.60
N TRP A 367 5.19 20.48 2.77
CA TRP A 367 5.84 19.20 2.59
C TRP A 367 6.08 18.53 3.93
N ALA A 368 5.94 17.20 3.94
CA ALA A 368 6.38 16.36 5.05
C ALA A 368 7.24 15.26 4.44
N LEU A 369 8.48 15.14 4.91
CA LEU A 369 9.45 14.19 4.34
C LEU A 369 10.13 13.37 5.42
N GLY A 370 10.56 12.17 5.04
CA GLY A 370 11.38 11.33 5.91
C GLY A 370 10.68 10.73 7.12
N PHE A 371 9.36 10.55 7.07
CA PHE A 371 8.61 10.12 8.26
C PHE A 371 8.28 8.63 8.24
N TYR A 372 8.15 8.06 9.44
CA TYR A 372 7.78 6.65 9.62
C TYR A 372 7.16 6.53 11.02
N PRO A 373 6.02 5.84 11.19
CA PRO A 373 5.30 5.13 10.12
C PRO A 373 4.54 6.06 9.15
N ALA A 374 3.84 5.47 8.19
CA ALA A 374 3.22 6.22 7.09
C ALA A 374 2.04 7.09 7.49
N ASP A 375 1.31 6.68 8.54
CA ASP A 375 0.14 7.45 9.00
C ASP A 375 0.54 8.88 9.40
N ILE A 376 -0.08 9.87 8.75
CA ILE A 376 0.20 11.28 9.03
C ILE A 376 -1.06 12.09 8.74
N THR A 377 -1.23 13.21 9.44
CA THR A 377 -2.28 14.18 9.15
C THR A 377 -1.62 15.50 8.75
N LEU A 378 -1.94 15.94 7.54
CA LEU A 378 -1.33 17.12 6.94
C LEU A 378 -2.46 18.04 6.50
N THR A 379 -2.62 19.19 7.16
CA THR A 379 -3.77 20.07 6.93
C THR A 379 -3.38 21.55 6.96
N TRP A 380 -4.04 22.33 6.10
CA TRP A 380 -3.91 23.79 6.10
C TRP A 380 -5.05 24.41 6.91
N GLN A 381 -4.75 25.54 7.55
CA GLN A 381 -5.74 26.30 8.33
C GLN A 381 -5.61 27.78 8.03
N LEU A 382 -6.75 28.44 7.80
CA LEU A 382 -6.81 29.89 7.56
C LEU A 382 -7.37 30.57 8.81
N ASN A 383 -6.55 31.42 9.43
CA ASN A 383 -6.93 32.21 10.62
C ASN A 383 -7.41 31.36 11.81
N GLY A 384 -6.81 30.18 12.00
CA GLY A 384 -7.16 29.28 13.09
C GLY A 384 -8.09 28.15 12.67
N GLU A 385 -9.19 28.48 11.99
CA GLU A 385 -10.16 27.48 11.54
C GLU A 385 -9.63 26.69 10.36
N ASP A 386 -9.89 25.38 10.36
CA ASP A 386 -9.44 24.46 9.31
C ASP A 386 -10.50 24.31 8.22
N LEU A 387 -10.04 23.97 7.01
CA LEU A 387 -10.95 23.73 5.89
C LEU A 387 -10.21 23.03 4.76
N THR A 388 -10.79 21.92 4.28
CA THR A 388 -10.25 21.18 3.13
C THR A 388 -11.19 21.30 1.93
N GLN A 389 -11.65 22.52 1.66
CA GLN A 389 -12.53 22.80 0.53
C GLN A 389 -11.72 22.79 -0.76
N ASP A 390 -10.70 23.65 -0.82
CA ASP A 390 -9.80 23.75 -1.96
C ASP A 390 -8.35 23.49 -1.53
N MET A 391 -8.14 22.34 -0.88
CA MET A 391 -6.81 21.87 -0.51
C MET A 391 -6.50 20.64 -1.34
N GLU A 392 -5.47 20.72 -2.19
CA GLU A 392 -4.99 19.54 -2.93
C GLU A 392 -4.05 18.74 -2.03
N LEU A 393 -4.30 17.44 -1.97
CA LEU A 393 -3.59 16.55 -1.05
C LEU A 393 -3.21 15.30 -1.84
N VAL A 394 -1.92 14.98 -1.92
CA VAL A 394 -1.50 13.75 -2.61
C VAL A 394 -1.48 12.59 -1.64
N GLU A 395 -1.60 11.39 -2.20
CA GLU A 395 -1.46 10.17 -1.44
C GLU A 395 -0.07 10.13 -0.84
N THR A 396 0.02 9.63 0.39
CA THR A 396 1.29 9.35 1.03
C THR A 396 2.05 8.34 0.16
N ARG A 397 3.32 8.64 -0.06
CA ARG A 397 4.13 7.90 -1.01
C ARG A 397 5.43 7.47 -0.36
N PRO A 398 5.95 6.29 -0.74
CA PRO A 398 7.21 5.81 -0.20
C PRO A 398 8.43 6.49 -0.84
N ALA A 399 9.43 6.81 -0.01
CA ALA A 399 10.70 7.31 -0.51
C ALA A 399 11.52 6.16 -1.08
N GLY A 400 11.28 4.97 -0.55
CA GLY A 400 12.00 3.76 -0.94
C GLY A 400 13.13 3.37 0.00
N ASP A 401 13.31 4.13 1.09
CA ASP A 401 14.41 3.93 2.04
C ASP A 401 13.92 3.71 3.48
N GLY A 402 12.66 3.31 3.63
CA GLY A 402 12.02 3.13 4.94
C GLY A 402 11.28 4.34 5.47
N THR A 403 11.13 5.39 4.66
CA THR A 403 10.38 6.57 5.07
C THR A 403 9.38 6.97 4.00
N PHE A 404 8.51 7.90 4.36
CA PHE A 404 7.41 8.32 3.51
C PHE A 404 7.40 9.82 3.34
N GLN A 405 6.63 10.26 2.36
CA GLN A 405 6.54 11.66 1.95
C GLN A 405 5.08 11.99 1.68
N LYS A 406 4.73 13.24 1.89
CA LYS A 406 3.39 13.73 1.56
C LYS A 406 3.45 15.25 1.42
N TRP A 407 2.56 15.79 0.60
CA TRP A 407 2.35 17.22 0.59
C TRP A 407 0.88 17.60 0.49
N ALA A 408 0.59 18.80 0.97
CA ALA A 408 -0.73 19.41 0.85
C ALA A 408 -0.53 20.83 0.34
N ALA A 409 -1.32 21.24 -0.65
CA ALA A 409 -1.19 22.55 -1.29
C ALA A 409 -2.50 23.32 -1.23
N VAL A 410 -2.39 24.66 -1.11
CA VAL A 410 -3.54 25.56 -1.15
C VAL A 410 -3.20 26.82 -1.96
N VAL A 411 -4.20 27.36 -2.65
CA VAL A 411 -4.05 28.61 -3.39
C VAL A 411 -4.43 29.74 -2.45
N VAL A 412 -3.49 30.66 -2.21
CA VAL A 412 -3.69 31.76 -1.25
C VAL A 412 -3.61 33.12 -1.95
N PRO A 413 -4.58 34.03 -1.70
CA PRO A 413 -4.47 35.37 -2.28
C PRO A 413 -3.21 36.11 -1.79
N LEU A 414 -2.55 36.83 -2.70
CA LEU A 414 -1.37 37.62 -2.36
C LEU A 414 -1.73 38.64 -1.29
N GLY A 415 -0.86 38.78 -0.29
CA GLY A 415 -1.10 39.64 0.86
C GLY A 415 -1.68 38.93 2.08
N LYS A 416 -2.36 37.80 1.87
CA LYS A 416 -3.00 37.04 2.97
C LYS A 416 -2.25 35.75 3.37
N GLU A 417 -0.98 35.63 2.97
CA GLU A 417 -0.19 34.40 3.22
C GLU A 417 0.04 34.11 4.70
N GLN A 418 0.29 35.16 5.49
CA GLN A 418 0.49 35.02 6.95
C GLN A 418 -0.71 34.41 7.70
N ASN A 419 -1.92 34.58 7.17
CA ASN A 419 -3.12 33.97 7.72
C ASN A 419 -3.20 32.44 7.58
N TYR A 420 -2.49 31.86 6.60
CA TYR A 420 -2.52 30.41 6.37
C TYR A 420 -1.41 29.69 7.13
N THR A 421 -1.76 28.61 7.81
CA THR A 421 -0.81 27.79 8.54
C THR A 421 -0.97 26.30 8.21
N CYS A 422 0.14 25.60 8.01
CA CYS A 422 0.13 24.15 7.80
C CYS A 422 0.38 23.44 9.12
N HIS A 423 -0.39 22.39 9.38
CA HIS A 423 -0.29 21.61 10.61
C HIS A 423 0.06 20.15 10.32
N VAL A 424 1.07 19.64 11.03
CA VAL A 424 1.58 18.28 10.83
C VAL A 424 1.43 17.51 12.14
N HIS A 425 0.63 16.45 12.10
CA HIS A 425 0.48 15.54 13.25
C HIS A 425 1.04 14.18 12.88
N HIS A 426 1.86 13.64 13.76
CA HIS A 426 2.53 12.38 13.53
C HIS A 426 3.01 11.83 14.87
N GLU A 427 2.98 10.50 15.04
CA GLU A 427 3.30 9.89 16.34
C GLU A 427 4.75 10.12 16.77
N GLY A 428 5.63 10.36 15.80
CA GLY A 428 7.01 10.74 16.03
C GLY A 428 7.25 12.11 16.65
N LEU A 429 6.32 13.05 16.45
CA LEU A 429 6.48 14.42 16.96
C LEU A 429 6.05 14.53 18.43
N PRO A 430 6.86 15.21 19.27
CA PRO A 430 6.40 15.50 20.63
C PRO A 430 5.18 16.41 20.64
N GLU A 431 5.24 17.50 19.88
CA GLU A 431 4.12 18.42 19.68
C GLU A 431 3.88 18.57 18.18
N PRO A 432 2.61 18.72 17.76
CA PRO A 432 2.31 18.98 16.34
C PRO A 432 3.05 20.21 15.79
N LEU A 433 3.62 20.08 14.60
CA LEU A 433 4.31 21.21 13.96
C LEU A 433 3.29 22.17 13.35
N THR A 434 3.56 23.47 13.47
CA THR A 434 2.78 24.51 12.79
C THR A 434 3.75 25.35 11.96
N LEU A 435 3.47 25.44 10.65
CA LEU A 435 4.33 26.14 9.71
C LEU A 435 3.55 27.23 8.99
N ARG A 436 4.25 28.30 8.62
CA ARG A 436 3.73 29.36 7.76
C ARG A 436 4.81 29.73 6.75
N TRP A 437 4.40 30.21 5.58
CA TRP A 437 5.35 30.68 4.58
C TRP A 437 5.93 32.02 5.01
N GLU A 438 7.22 32.01 5.38
CA GLU A 438 7.95 33.25 5.66
C GLU A 438 8.28 33.90 4.32
N ASN A 439 7.57 35.00 4.03
CA ASN A 439 7.73 35.69 2.74
C ASN A 439 9.00 36.54 2.75
N LEU A 440 10.07 36.01 2.15
CA LEU A 440 11.35 36.72 2.08
C LEU A 440 11.47 37.53 0.79
N TYR A 441 11.42 36.87 -0.36
CA TYR A 441 11.77 37.49 -1.66
C TYR A 441 10.57 37.83 -2.57
N PHE A 442 9.40 38.09 -2.00
CA PHE A 442 8.24 38.59 -2.77
C PHE A 442 7.52 39.70 -2.01
#